data_4FL9
#
_entry.id   4FL9
#
_cell.length_a   66.255
_cell.length_b   50.380
_cell.length_c   86.638
_cell.angle_alpha   90.00
_cell.angle_beta   99.65
_cell.angle_gamma   90.00
#
_symmetry.space_group_name_H-M   'P 1 21 1'
#
loop_
_entity.id
_entity.type
_entity.pdbx_description
1 polymer 'Heat shock cognate 71 kDa protein'
2 non-polymer 'trimethylamine oxide'
3 non-polymer 2,3-DIHYDROXY-1,4-DITHIOBUTANE
4 water water
#
_entity_poly.entity_id   1
_entity_poly.type   'polypeptide(L)'
_entity_poly.pdbx_seq_one_letter_code
;MSKGPAVGIDLGTTYSCVGVFQHGKVEIIANDQGNRTTPSYVAFTDTERLIGDAAKNQVAMNPTNTVFDAKRLIGRRFDD
AVVQSDMKHWPFMVVNDAGRPKVQVEYKGETKSFYPEEVSSMVLTKMKEIAEAYLGKTVTNAVVTVPAYFNDSQRQATKD
AGTIAGLNVLRIINEPTAAAIAYGLDKKVGAERNVLIFDLGGGTFDVSILTIAAGIFEVKSTAGDTHLGGEDFDNRMVNH
FIAEFKRKHKKDISENKRAVRRLRTACERAKRTLSSSTQASIEIDSLYEGIDFYTSITRARFEELNADLFRGTLDPVEKA
LRDAKLDKSQIHDIVLVGGSTRIPKIQKLLQDFFNGKELNKSINPDEAVAYGAAVQAAILSGDKSENVQDLLLLDVTPLS
LGIETAGGVMTVLIKRNTTIPTKQTQTFTTYSDNQPGVLIQVYEGERAMTKDNNLLGKFELTGIPPAPRGVPQIEVTFDI
DANGILNVSAVDKSTGKENKITITNDKGRLSKEDIERMVQEAEKYKAEDEKQRDKVSSKNSLESYAFNMKATVE
;
_entity_poly.pdbx_strand_id   A
#
loop_
_chem_comp.id
_chem_comp.type
_chem_comp.name
_chem_comp.formula
DTT non-polymer 2,3-DIHYDROXY-1,4-DITHIOBUTANE 'C4 H10 O2 S2'
TMO non-polymer 'trimethylamine oxide' 'C3 H9 N O'
#
# COMPACT_ATOMS: atom_id res chain seq x y z
N GLY A 4 2.10 -25.79 13.36
CA GLY A 4 3.32 -25.83 12.58
C GLY A 4 3.62 -24.50 11.92
N PRO A 5 3.16 -24.33 10.67
CA PRO A 5 3.45 -23.17 9.83
C PRO A 5 2.64 -21.90 10.19
N ALA A 6 3.25 -20.75 9.93
CA ALA A 6 2.57 -19.47 10.11
C ALA A 6 1.63 -19.21 8.93
N VAL A 7 0.56 -18.47 9.17
CA VAL A 7 -0.46 -18.19 8.16
C VAL A 7 -0.34 -16.76 7.66
N GLY A 8 -0.69 -16.52 6.39
CA GLY A 8 -0.90 -15.14 5.96
C GLY A 8 -2.34 -14.71 6.12
N ILE A 9 -2.58 -13.44 6.46
CA ILE A 9 -3.94 -12.95 6.62
C ILE A 9 -4.11 -11.60 5.94
N ASP A 10 -5.04 -11.53 5.01
CA ASP A 10 -5.40 -10.24 4.43
C ASP A 10 -6.56 -9.81 5.28
N LEU A 11 -6.34 -8.78 6.10
CA LEU A 11 -7.44 -8.26 6.89
C LEU A 11 -7.98 -7.12 6.07
N GLY A 12 -9.13 -7.37 5.45
CA GLY A 12 -9.58 -6.48 4.41
C GLY A 12 -10.64 -5.59 4.99
N THR A 13 -10.99 -4.54 4.25
CA THR A 13 -11.98 -3.61 4.72
C THR A 13 -13.36 -4.26 4.79
N THR A 14 -13.84 -4.82 3.68
CA THR A 14 -15.07 -5.63 3.66
C THR A 14 -14.94 -7.13 4.01
N TYR A 15 -13.84 -7.77 3.61
CA TYR A 15 -13.65 -9.18 3.92
C TYR A 15 -12.20 -9.47 4.19
N SER A 16 -11.97 -10.60 4.85
CA SER A 16 -10.64 -11.03 5.17
C SER A 16 -10.40 -12.41 4.58
N CYS A 17 -9.14 -12.75 4.43
CA CYS A 17 -8.76 -14.02 3.78
C CYS A 17 -7.50 -14.57 4.42
N VAL A 18 -7.44 -15.89 4.62
CA VAL A 18 -6.28 -16.45 5.27
C VAL A 18 -5.77 -17.62 4.46
N GLY A 19 -4.45 -17.75 4.42
CA GLY A 19 -3.84 -18.76 3.57
C GLY A 19 -2.59 -19.28 4.25
N VAL A 20 -2.12 -20.43 3.77
CA VAL A 20 -0.95 -21.04 4.36
C VAL A 20 -0.12 -21.71 3.28
N PHE A 21 1.20 -21.55 3.37
CA PHE A 21 2.10 -22.16 2.42
C PHE A 21 2.54 -23.49 2.99
N GLN A 22 2.16 -24.56 2.31
CA GLN A 22 2.49 -25.92 2.75
CA GLN A 22 2.54 -25.90 2.74
C GLN A 22 2.73 -26.79 1.53
N HIS A 23 3.61 -27.77 1.68
CA HIS A 23 3.82 -28.75 0.63
C HIS A 23 4.05 -28.03 -0.69
N GLY A 24 4.86 -26.97 -0.64
CA GLY A 24 5.25 -26.22 -1.84
C GLY A 24 4.13 -25.48 -2.54
N LYS A 25 3.03 -25.24 -1.84
CA LYS A 25 1.87 -24.62 -2.48
C LYS A 25 1.14 -23.75 -1.47
N VAL A 26 0.59 -22.62 -1.92
CA VAL A 26 -0.30 -21.85 -1.06
C VAL A 26 -1.67 -22.44 -1.11
N GLU A 27 -2.26 -22.62 0.06
CA GLU A 27 -3.66 -23.00 0.16
CA GLU A 27 -3.65 -23.02 0.16
C GLU A 27 -4.43 -21.89 0.85
N ILE A 28 -5.43 -21.35 0.16
CA ILE A 28 -6.36 -20.39 0.75
C ILE A 28 -7.40 -21.25 1.45
N ILE A 29 -7.75 -20.87 2.67
CA ILE A 29 -8.50 -21.73 3.57
C ILE A 29 -9.97 -21.34 3.62
N ALA A 30 -10.86 -22.26 3.26
CA ALA A 30 -12.30 -21.98 3.31
C ALA A 30 -12.80 -21.97 4.75
N ASN A 31 -13.82 -21.14 5.03
CA ASN A 31 -14.38 -21.05 6.37
C ASN A 31 -15.46 -22.10 6.59
N ASP A 32 -16.17 -22.02 7.73
CA ASP A 32 -17.07 -23.10 8.11
C ASP A 32 -18.34 -23.15 7.24
N GLN A 33 -18.58 -22.10 6.46
CA GLN A 33 -19.65 -22.15 5.45
CA GLN A 33 -19.66 -22.14 5.46
C GLN A 33 -19.10 -22.48 4.08
N GLY A 34 -17.81 -22.81 4.00
CA GLY A 34 -17.20 -23.20 2.73
C GLY A 34 -16.67 -22.02 1.89
N ASN A 35 -16.62 -20.83 2.48
CA ASN A 35 -16.20 -19.63 1.74
C ASN A 35 -14.73 -19.30 1.94
N ARG A 36 -14.02 -19.02 0.84
CA ARG A 36 -12.59 -18.71 0.90
C ARG A 36 -12.29 -17.29 1.37
N THR A 37 -13.32 -16.43 1.41
CA THR A 37 -13.21 -15.14 2.08
C THR A 37 -14.33 -15.05 3.12
N THR A 38 -14.02 -14.33 4.20
CA THR A 38 -14.91 -14.06 5.33
C THR A 38 -15.19 -12.55 5.53
N PRO A 39 -16.46 -12.10 5.45
CA PRO A 39 -16.76 -10.67 5.64
C PRO A 39 -16.15 -10.09 6.91
N SER A 40 -15.69 -8.84 6.92
CA SER A 40 -15.13 -8.41 8.18
C SER A 40 -16.29 -7.66 8.78
N TYR A 41 -16.98 -8.37 9.63
CA TYR A 41 -18.25 -7.90 10.19
C TYR A 41 -18.32 -8.57 11.51
N VAL A 42 -18.85 -7.84 12.50
CA VAL A 42 -19.08 -8.41 13.81
C VAL A 42 -20.45 -7.91 14.23
N ALA A 43 -21.31 -8.82 14.68
CA ALA A 43 -22.66 -8.43 15.07
C ALA A 43 -22.95 -8.82 16.48
N PHE A 44 -23.65 -7.95 17.18
CA PHE A 44 -24.01 -8.21 18.55
C PHE A 44 -25.53 -8.34 18.63
N THR A 45 -25.99 -9.39 19.30
CA THR A 45 -27.43 -9.63 19.40
C THR A 45 -27.85 -9.76 20.85
N ASP A 46 -29.14 -10.01 21.05
CA ASP A 46 -29.61 -10.22 22.40
C ASP A 46 -28.86 -11.40 23.04
N THR A 47 -28.74 -12.50 22.32
CA THR A 47 -27.97 -13.65 22.84
C THR A 47 -26.49 -13.92 22.47
N GLU A 48 -25.94 -13.26 21.45
CA GLU A 48 -24.68 -13.76 20.90
C GLU A 48 -23.86 -12.75 20.10
N ARG A 49 -22.58 -13.09 19.89
CA ARG A 49 -21.71 -12.31 19.02
C ARG A 49 -21.42 -13.08 17.73
N LEU A 50 -21.90 -12.57 16.61
CA LEU A 50 -21.66 -13.20 15.33
C LEU A 50 -20.45 -12.58 14.65
N ILE A 51 -19.67 -13.38 13.96
CA ILE A 51 -18.51 -12.86 13.20
C ILE A 51 -18.50 -13.50 11.82
N GLY A 52 -18.24 -12.70 10.78
CA GLY A 52 -18.18 -13.21 9.43
C GLY A 52 -19.54 -13.33 8.76
N ASP A 53 -19.71 -14.39 7.99
CA ASP A 53 -20.93 -14.59 7.20
C ASP A 53 -22.19 -14.42 8.06
N ALA A 54 -22.22 -15.07 9.22
CA ALA A 54 -23.41 -15.02 10.04
C ALA A 54 -23.72 -13.58 10.38
N ALA A 55 -22.68 -12.80 10.66
CA ALA A 55 -22.85 -11.38 10.96
C ALA A 55 -23.40 -10.64 9.75
N LYS A 56 -22.77 -10.82 8.59
CA LYS A 56 -23.19 -10.09 7.42
C LYS A 56 -24.62 -10.43 7.01
N ASN A 57 -24.99 -11.70 7.12
CA ASN A 57 -26.29 -12.13 6.63
C ASN A 57 -27.48 -11.52 7.38
N GLN A 58 -27.31 -11.20 8.66
CA GLN A 58 -28.40 -10.59 9.44
C GLN A 58 -28.37 -9.07 9.51
N VAL A 59 -27.44 -8.41 8.81
CA VAL A 59 -27.27 -6.97 8.98
C VAL A 59 -28.58 -6.21 8.91
N ALA A 60 -29.44 -6.57 7.98
CA ALA A 60 -30.67 -5.81 7.76
C ALA A 60 -31.66 -6.01 8.91
N MET A 61 -31.53 -7.10 9.66
CA MET A 61 -32.35 -7.32 10.85
C MET A 61 -31.82 -6.54 12.06
N ASN A 62 -30.51 -6.35 12.13
CA ASN A 62 -29.89 -5.75 13.30
C ASN A 62 -28.82 -4.71 12.91
N PRO A 63 -29.21 -3.67 12.15
CA PRO A 63 -28.15 -2.83 11.58
C PRO A 63 -27.38 -1.96 12.58
N THR A 64 -28.01 -1.54 13.65
CA THR A 64 -27.35 -0.61 14.56
C THR A 64 -26.29 -1.36 15.34
N ASN A 65 -26.49 -2.67 15.50
CA ASN A 65 -25.57 -3.54 16.23
C ASN A 65 -24.58 -4.34 15.39
N THR A 66 -24.58 -4.11 14.09
CA THR A 66 -23.73 -4.87 13.21
C THR A 66 -22.63 -3.94 12.68
N VAL A 67 -21.40 -4.24 13.09
CA VAL A 67 -20.26 -3.38 12.84
C VAL A 67 -19.44 -3.91 11.67
N PHE A 68 -19.00 -2.99 10.82
CA PHE A 68 -18.12 -3.29 9.69
C PHE A 68 -17.23 -2.05 9.50
N ASP A 69 -16.31 -2.09 8.53
CA ASP A 69 -15.44 -0.93 8.25
C ASP A 69 -14.56 -0.50 9.41
N ALA A 70 -14.24 -1.42 10.33
CA ALA A 70 -13.38 -1.05 11.46
C ALA A 70 -12.00 -0.64 10.94
N LYS A 71 -11.65 -1.14 9.77
CA LYS A 71 -10.35 -0.82 9.22
C LYS A 71 -10.25 0.67 8.89
N ARG A 72 -11.39 1.33 8.67
CA ARG A 72 -11.38 2.78 8.44
C ARG A 72 -11.12 3.57 9.73
N LEU A 73 -11.51 3.03 10.87
CA LEU A 73 -11.21 3.64 12.17
C LEU A 73 -9.82 3.34 12.75
N ILE A 74 -9.27 2.19 12.37
CA ILE A 74 -8.21 1.61 13.18
C ILE A 74 -7.01 2.54 13.19
N GLY A 75 -6.45 2.74 14.37
CA GLY A 75 -5.30 3.60 14.57
C GLY A 75 -5.55 5.09 14.43
N ARG A 76 -6.80 5.51 14.29
CA ARG A 76 -7.07 6.94 14.16
C ARG A 76 -7.61 7.53 15.45
N ARG A 77 -7.76 8.84 15.44
CA ARG A 77 -8.28 9.56 16.60
C ARG A 77 -9.70 9.98 16.28
N PHE A 78 -10.54 10.06 17.31
CA PHE A 78 -11.94 10.36 17.06
C PHE A 78 -12.12 11.63 16.22
N ASP A 79 -11.30 12.64 16.48
CA ASP A 79 -11.46 13.91 15.77
C ASP A 79 -10.73 13.98 14.39
N ASP A 80 -10.09 12.89 13.99
CA ASP A 80 -9.59 12.76 12.62
CA ASP A 80 -9.60 12.78 12.62
C ASP A 80 -10.74 13.08 11.66
N ALA A 81 -10.50 13.94 10.67
CA ALA A 81 -11.57 14.33 9.74
C ALA A 81 -12.14 13.13 8.98
N VAL A 82 -11.29 12.15 8.70
CA VAL A 82 -11.73 10.94 8.01
C VAL A 82 -12.80 10.21 8.82
N VAL A 83 -12.55 10.03 10.12
CA VAL A 83 -13.52 9.39 11.01
C VAL A 83 -14.83 10.18 11.04
N GLN A 84 -14.73 11.49 11.21
CA GLN A 84 -15.93 12.31 11.32
C GLN A 84 -16.72 12.26 10.02
N SER A 85 -16.03 12.21 8.88
CA SER A 85 -16.76 12.01 7.63
C SER A 85 -17.37 10.61 7.49
N ASP A 86 -16.58 9.58 7.77
CA ASP A 86 -17.08 8.21 7.60
C ASP A 86 -18.28 7.91 8.49
N MET A 87 -18.23 8.39 9.74
CA MET A 87 -19.29 8.07 10.69
C MET A 87 -20.68 8.35 10.13
N LYS A 88 -20.80 9.38 9.31
CA LYS A 88 -22.10 9.81 8.81
C LYS A 88 -22.82 8.73 7.98
N HIS A 89 -22.06 7.81 7.40
CA HIS A 89 -22.63 6.75 6.56
C HIS A 89 -22.89 5.39 7.27
N TRP A 90 -22.48 5.28 8.53
CA TRP A 90 -22.60 4.03 9.28
C TRP A 90 -23.85 4.02 10.17
N PRO A 91 -24.62 2.90 10.16
CA PRO A 91 -25.78 2.81 11.06
C PRO A 91 -25.42 2.65 12.55
N PHE A 92 -24.27 2.04 12.83
CA PHE A 92 -23.78 1.91 14.21
C PHE A 92 -23.17 3.20 14.75
N MET A 93 -23.14 3.31 16.08
CA MET A 93 -22.61 4.49 16.74
CA MET A 93 -22.62 4.50 16.74
CA MET A 93 -22.61 4.49 16.74
C MET A 93 -21.11 4.42 16.97
N VAL A 94 -20.47 5.56 16.84
CA VAL A 94 -19.06 5.72 17.14
C VAL A 94 -18.98 6.85 18.15
N VAL A 95 -18.33 6.61 19.28
CA VAL A 95 -18.25 7.59 20.33
C VAL A 95 -16.81 7.86 20.65
N ASN A 96 -16.59 8.97 21.35
CA ASN A 96 -15.27 9.43 21.69
C ASN A 96 -14.91 9.02 23.12
N ASP A 97 -13.93 8.14 23.27
CA ASP A 97 -13.45 7.80 24.61
C ASP A 97 -12.08 8.41 24.81
N ALA A 98 -12.01 9.47 25.61
CA ALA A 98 -10.75 10.16 25.85
C ALA A 98 -9.95 10.41 24.55
N GLY A 99 -10.63 10.80 23.48
CA GLY A 99 -9.99 11.05 22.20
C GLY A 99 -9.99 9.89 21.18
N ARG A 100 -10.19 8.66 21.66
CA ARG A 100 -10.27 7.51 20.75
C ARG A 100 -11.68 7.14 20.31
N PRO A 101 -11.85 6.79 19.03
CA PRO A 101 -13.17 6.31 18.63
C PRO A 101 -13.42 4.94 19.24
N LYS A 102 -14.65 4.69 19.70
CA LYS A 102 -15.05 3.34 20.03
C LYS A 102 -16.37 3.11 19.34
N VAL A 103 -16.61 1.90 18.86
CA VAL A 103 -17.92 1.61 18.32
C VAL A 103 -18.80 1.22 19.52
N GLN A 104 -20.00 1.78 19.58
CA GLN A 104 -20.90 1.49 20.71
C GLN A 104 -22.10 0.70 20.22
N VAL A 105 -22.41 -0.39 20.92
CA VAL A 105 -23.50 -1.27 20.52
C VAL A 105 -24.28 -1.78 21.72
N GLU A 106 -25.43 -2.37 21.44
CA GLU A 106 -26.19 -3.11 22.44
C GLU A 106 -25.88 -4.59 22.27
N TYR A 107 -25.49 -5.24 23.37
CA TYR A 107 -25.10 -6.64 23.37
C TYR A 107 -25.69 -7.36 24.59
N LYS A 108 -26.50 -8.38 24.36
CA LYS A 108 -27.18 -9.08 25.46
C LYS A 108 -27.82 -8.07 26.40
N GLY A 109 -28.47 -7.06 25.82
CA GLY A 109 -29.25 -6.11 26.60
C GLY A 109 -28.46 -5.05 27.35
N GLU A 110 -27.15 -4.97 27.10
CA GLU A 110 -26.33 -3.95 27.74
C GLU A 110 -25.54 -3.16 26.69
N THR A 111 -25.29 -1.89 27.00
CA THR A 111 -24.45 -1.06 26.14
C THR A 111 -22.97 -1.38 26.33
N LYS A 112 -22.30 -1.71 25.23
CA LYS A 112 -20.89 -2.02 25.26
C LYS A 112 -20.17 -1.22 24.18
N SER A 113 -18.90 -0.94 24.38
CA SER A 113 -18.16 -0.23 23.36
C SER A 113 -16.81 -0.91 23.12
N PHE A 114 -16.36 -0.89 21.87
CA PHE A 114 -15.10 -1.51 21.52
C PHE A 114 -14.21 -0.59 20.71
N TYR A 115 -12.92 -0.60 21.03
CA TYR A 115 -11.92 0.06 20.21
C TYR A 115 -11.85 -0.62 18.86
N PRO A 116 -11.44 0.12 17.83
CA PRO A 116 -11.39 -0.46 16.48
C PRO A 116 -10.55 -1.75 16.43
N GLU A 117 -9.47 -1.76 17.21
CA GLU A 117 -8.55 -2.89 17.19
C GLU A 117 -9.15 -4.11 17.88
N GLU A 118 -10.09 -3.88 18.80
CA GLU A 118 -10.84 -4.98 19.39
C GLU A 118 -11.76 -5.62 18.34
N VAL A 119 -12.47 -4.78 17.58
CA VAL A 119 -13.35 -5.30 16.53
C VAL A 119 -12.50 -6.14 15.54
N SER A 120 -11.45 -5.50 15.05
CA SER A 120 -10.57 -6.20 14.12
C SER A 120 -9.99 -7.45 14.77
N SER A 121 -9.69 -7.40 16.08
CA SER A 121 -9.19 -8.59 16.75
C SER A 121 -10.25 -9.72 16.68
N MET A 122 -11.52 -9.35 16.81
CA MET A 122 -12.59 -10.36 16.63
C MET A 122 -12.59 -11.00 15.23
N VAL A 123 -12.45 -10.13 14.23
CA VAL A 123 -12.28 -10.69 12.86
C VAL A 123 -11.06 -11.64 12.75
N LEU A 124 -9.93 -11.19 13.30
CA LEU A 124 -8.74 -12.05 13.31
C LEU A 124 -8.90 -13.36 14.11
N THR A 125 -9.65 -13.32 15.20
CA THR A 125 -9.97 -14.55 15.93
C THR A 125 -10.72 -15.49 15.02
N LYS A 126 -11.71 -14.95 14.32
CA LYS A 126 -12.40 -15.78 13.32
C LYS A 126 -11.42 -16.40 12.29
N MET A 127 -10.57 -15.56 11.68
CA MET A 127 -9.63 -16.15 10.70
C MET A 127 -8.72 -17.21 11.35
N LYS A 128 -8.24 -16.93 12.55
CA LYS A 128 -7.40 -17.88 13.29
C LYS A 128 -8.13 -19.23 13.44
N GLU A 129 -9.36 -19.17 13.91
CA GLU A 129 -10.13 -20.39 14.13
C GLU A 129 -10.39 -21.14 12.83
N ILE A 130 -10.70 -20.37 11.78
CA ILE A 130 -10.83 -20.94 10.44
C ILE A 130 -9.57 -21.73 10.08
N ALA A 131 -8.43 -21.10 10.29
CA ALA A 131 -7.15 -21.73 10.01
C ALA A 131 -6.90 -22.98 10.86
N GLU A 132 -7.27 -22.92 12.13
CA GLU A 132 -7.08 -24.06 13.02
C GLU A 132 -7.98 -25.24 12.62
N ALA A 133 -9.24 -24.97 12.32
CA ALA A 133 -10.11 -26.02 11.78
C ALA A 133 -9.44 -26.66 10.58
N TYR A 134 -8.99 -25.83 9.64
CA TYR A 134 -8.33 -26.41 8.47
C TYR A 134 -7.08 -27.22 8.81
N LEU A 135 -6.20 -26.66 9.64
CA LEU A 135 -4.91 -27.28 9.94
C LEU A 135 -4.94 -28.35 11.02
N GLY A 136 -6.01 -28.40 11.81
CA GLY A 136 -6.11 -29.35 12.91
C GLY A 136 -5.02 -29.13 13.95
N LYS A 137 -4.58 -27.88 14.12
CA LYS A 137 -3.61 -27.55 15.17
C LYS A 137 -3.70 -26.08 15.50
N THR A 138 -3.16 -25.66 16.63
CA THR A 138 -3.24 -24.25 16.99
C THR A 138 -2.45 -23.41 16.01
N VAL A 139 -2.98 -22.24 15.72
CA VAL A 139 -2.30 -21.27 14.86
C VAL A 139 -1.93 -20.11 15.75
N THR A 140 -0.66 -19.75 15.75
CA THR A 140 -0.16 -18.70 16.61
C THR A 140 0.45 -17.61 15.74
N ASN A 141 1.47 -17.96 14.98
CA ASN A 141 2.20 -16.98 14.16
C ASN A 141 1.50 -16.58 12.88
N ALA A 142 1.55 -15.29 12.59
CA ALA A 142 0.94 -14.78 11.37
C ALA A 142 1.62 -13.55 10.79
N VAL A 143 1.48 -13.39 9.49
CA VAL A 143 1.80 -12.14 8.81
C VAL A 143 0.47 -11.51 8.43
N VAL A 144 0.26 -10.26 8.84
CA VAL A 144 -0.97 -9.56 8.53
C VAL A 144 -0.64 -8.37 7.64
N THR A 145 -1.49 -8.10 6.65
CA THR A 145 -1.17 -7.08 5.66
C THR A 145 -1.97 -5.80 5.94
N VAL A 146 -1.39 -4.67 5.56
CA VAL A 146 -2.07 -3.37 5.67
C VAL A 146 -1.85 -2.56 4.38
N PRO A 147 -2.70 -1.55 4.15
CA PRO A 147 -2.49 -0.65 3.00
C PRO A 147 -1.13 0.05 3.09
N ALA A 148 -0.52 0.29 1.94
CA ALA A 148 0.80 0.90 1.92
C ALA A 148 0.80 2.27 2.59
N TYR A 149 -0.33 2.95 2.54
CA TYR A 149 -0.39 4.31 3.09
C TYR A 149 -0.59 4.32 4.62
N PHE A 150 -0.82 3.17 5.24
CA PHE A 150 -1.03 3.14 6.70
C PHE A 150 0.18 3.79 7.38
N ASN A 151 -0.05 4.59 8.42
CA ASN A 151 1.04 5.21 9.16
C ASN A 151 1.43 4.32 10.34
N ASP A 152 2.35 4.78 11.18
CA ASP A 152 2.80 3.92 12.30
C ASP A 152 1.66 3.56 13.27
N SER A 153 0.74 4.51 13.50
CA SER A 153 -0.34 4.25 14.44
C SER A 153 -1.28 3.15 13.93
N GLN A 154 -1.64 3.22 12.66
CA GLN A 154 -2.52 2.22 12.05
C GLN A 154 -1.85 0.83 12.01
N ARG A 155 -0.56 0.81 11.69
CA ARG A 155 0.19 -0.45 11.66
C ARG A 155 0.21 -1.03 13.08
N GLN A 156 0.56 -0.19 14.06
CA GLN A 156 0.64 -0.71 15.43
C GLN A 156 -0.72 -1.16 15.94
N ALA A 157 -1.79 -0.44 15.60
CA ALA A 157 -3.12 -0.88 16.04
C ALA A 157 -3.54 -2.20 15.35
N THR A 158 -3.20 -2.35 14.08
CA THR A 158 -3.44 -3.64 13.41
C THR A 158 -2.66 -4.78 14.10
N LYS A 159 -1.39 -4.51 14.43
CA LYS A 159 -0.62 -5.49 15.19
C LYS A 159 -1.31 -5.81 16.55
N ASP A 160 -1.71 -4.78 17.27
CA ASP A 160 -2.42 -5.01 18.53
C ASP A 160 -3.67 -5.88 18.32
N ALA A 161 -4.42 -5.59 17.27
CA ALA A 161 -5.57 -6.43 16.95
C ALA A 161 -5.13 -7.88 16.86
N GLY A 162 -4.04 -8.10 16.12
CA GLY A 162 -3.49 -9.45 16.11
C GLY A 162 -3.14 -10.02 17.49
N THR A 163 -2.44 -9.22 18.30
CA THR A 163 -2.04 -9.68 19.62
C THR A 163 -3.25 -10.03 20.47
N ILE A 164 -4.29 -9.22 20.40
CA ILE A 164 -5.47 -9.43 21.23
C ILE A 164 -6.10 -10.78 20.87
N ALA A 165 -5.96 -11.15 19.61
CA ALA A 165 -6.56 -12.39 19.08
C ALA A 165 -5.69 -13.61 19.37
N GLY A 166 -4.55 -13.42 20.01
CA GLY A 166 -3.67 -14.52 20.37
C GLY A 166 -2.66 -14.86 19.29
N LEU A 167 -2.60 -14.03 18.25
CA LEU A 167 -1.63 -14.18 17.18
C LEU A 167 -0.33 -13.48 17.54
N ASN A 168 0.78 -14.14 17.25
CA ASN A 168 2.07 -13.48 17.24
C ASN A 168 2.27 -12.99 15.81
N VAL A 169 2.29 -11.67 15.65
CA VAL A 169 2.37 -11.12 14.30
C VAL A 169 3.84 -10.96 14.00
N LEU A 170 4.32 -11.79 13.08
CA LEU A 170 5.74 -11.83 12.76
C LEU A 170 6.07 -10.53 12.08
N ARG A 171 5.21 -10.14 11.15
CA ARG A 171 5.40 -8.90 10.47
C ARG A 171 4.10 -8.32 9.98
N ILE A 172 4.04 -7.01 9.96
CA ILE A 172 3.06 -6.25 9.21
C ILE A 172 3.69 -5.88 7.87
N ILE A 173 3.08 -6.28 6.76
CA ILE A 173 3.59 -5.89 5.45
C ILE A 173 2.51 -5.26 4.59
N ASN A 174 2.94 -4.47 3.61
CA ASN A 174 2.02 -3.79 2.71
C ASN A 174 1.29 -4.73 1.77
N GLU A 175 -0.02 -4.53 1.66
CA GLU A 175 -0.84 -5.25 0.71
C GLU A 175 -0.21 -5.33 -0.71
N PRO A 176 0.20 -4.20 -1.29
CA PRO A 176 0.81 -4.29 -2.63
C PRO A 176 2.06 -5.16 -2.66
N THR A 177 2.82 -5.12 -1.57
CA THR A 177 4.02 -5.93 -1.46
C THR A 177 3.60 -7.39 -1.44
N ALA A 178 2.62 -7.73 -0.61
CA ALA A 178 2.05 -9.09 -0.62
C ALA A 178 1.68 -9.51 -2.03
N ALA A 179 0.92 -8.66 -2.72
CA ALA A 179 0.51 -8.99 -4.08
C ALA A 179 1.73 -9.29 -4.98
N ALA A 180 2.74 -8.44 -4.88
CA ALA A 180 3.96 -8.64 -5.67
C ALA A 180 4.69 -9.94 -5.32
N ILE A 181 4.80 -10.23 -4.03
CA ILE A 181 5.37 -11.49 -3.58
C ILE A 181 4.57 -12.67 -4.14
N ALA A 182 3.24 -12.54 -4.15
CA ALA A 182 2.43 -13.64 -4.67
C ALA A 182 2.82 -13.99 -6.11
N TYR A 183 3.09 -12.98 -6.93
CA TYR A 183 3.50 -13.19 -8.31
C TYR A 183 5.00 -13.41 -8.45
N GLY A 184 5.70 -13.42 -7.33
CA GLY A 184 7.13 -13.70 -7.32
C GLY A 184 7.92 -12.64 -8.05
N LEU A 185 7.44 -11.41 -8.01
CA LEU A 185 8.12 -10.33 -8.72
C LEU A 185 9.40 -9.90 -8.00
N ASP A 186 9.63 -10.40 -6.79
CA ASP A 186 10.86 -10.09 -6.06
C ASP A 186 11.98 -11.09 -6.34
N LYS A 187 11.63 -12.20 -6.97
CA LYS A 187 12.57 -13.28 -7.29
C LYS A 187 13.12 -13.15 -8.71
N LYS A 188 12.76 -12.05 -9.35
CA LYS A 188 13.00 -11.77 -10.76
C LYS A 188 14.40 -11.14 -10.92
N VAL A 189 15.16 -11.17 -9.83
CA VAL A 189 16.29 -10.27 -9.59
C VAL A 189 17.26 -10.16 -10.78
N GLY A 190 17.71 -8.93 -10.97
CA GLY A 190 18.20 -8.41 -12.24
C GLY A 190 18.20 -6.92 -12.01
N ALA A 191 18.09 -6.12 -13.06
CA ALA A 191 17.95 -4.68 -12.86
C ALA A 191 16.66 -4.46 -12.10
N GLU A 192 16.54 -3.32 -11.40
CA GLU A 192 15.34 -3.04 -10.60
C GLU A 192 14.08 -3.04 -11.46
N ARG A 193 12.96 -3.38 -10.84
CA ARG A 193 11.69 -3.41 -11.55
C ARG A 193 10.64 -2.48 -10.93
N ASN A 194 9.94 -1.75 -11.78
CA ASN A 194 8.85 -0.88 -11.36
C ASN A 194 7.53 -1.60 -11.52
N VAL A 195 6.85 -1.80 -10.39
CA VAL A 195 5.59 -2.55 -10.38
C VAL A 195 4.44 -1.66 -9.96
N LEU A 196 3.36 -1.75 -10.72
CA LEU A 196 2.14 -1.03 -10.37
C LEU A 196 1.08 -2.03 -9.90
N ILE A 197 0.58 -1.83 -8.68
CA ILE A 197 -0.49 -2.65 -8.13
C ILE A 197 -1.79 -1.86 -8.20
N PHE A 198 -2.74 -2.45 -8.91
CA PHE A 198 -4.04 -1.85 -9.16
C PHE A 198 -5.02 -2.69 -8.36
N ASP A 199 -5.51 -2.13 -7.26
CA ASP A 199 -6.30 -2.92 -6.33
C ASP A 199 -7.67 -2.32 -6.21
N LEU A 200 -8.66 -2.97 -6.80
CA LEU A 200 -10.00 -2.45 -6.79
C LEU A 200 -10.88 -3.49 -6.12
N GLY A 201 -11.31 -3.16 -4.91
CA GLY A 201 -12.04 -4.09 -4.06
C GLY A 201 -13.51 -3.77 -4.07
N GLY A 202 -14.22 -4.14 -3.02
CA GLY A 202 -15.62 -3.81 -2.97
C GLY A 202 -15.85 -2.36 -2.59
N GLY A 203 -15.11 -1.89 -1.58
CA GLY A 203 -15.24 -0.53 -1.09
C GLY A 203 -14.12 0.49 -1.31
N THR A 204 -13.01 0.07 -1.88
CA THR A 204 -11.83 0.93 -1.90
C THR A 204 -11.01 0.66 -3.15
N PHE A 205 -10.28 1.68 -3.60
CA PHE A 205 -9.45 1.52 -4.78
C PHE A 205 -8.09 2.07 -4.41
N ASP A 206 -7.08 1.18 -4.43
CA ASP A 206 -5.71 1.62 -4.16
C ASP A 206 -4.80 1.33 -5.33
N VAL A 207 -3.96 2.31 -5.63
CA VAL A 207 -2.93 2.15 -6.63
C VAL A 207 -1.60 2.37 -5.94
N SER A 208 -0.67 1.47 -6.18
CA SER A 208 0.65 1.60 -5.57
C SER A 208 1.70 1.38 -6.63
N ILE A 209 2.73 2.23 -6.62
CA ILE A 209 3.90 1.98 -7.44
C ILE A 209 5.07 1.66 -6.52
N LEU A 210 5.65 0.48 -6.80
CA LEU A 210 6.77 -0.04 -6.05
C LEU A 210 7.95 -0.16 -7.01
N THR A 211 9.15 0.02 -6.50
CA THR A 211 10.36 -0.36 -7.23
C THR A 211 11.06 -1.46 -6.44
N ILE A 212 11.34 -2.58 -7.10
CA ILE A 212 11.94 -3.70 -6.44
C ILE A 212 13.35 -3.90 -6.97
N ALA A 213 14.31 -3.79 -6.05
CA ALA A 213 15.72 -3.95 -6.38
C ALA A 213 16.37 -4.81 -5.33
N ALA A 214 16.94 -5.94 -5.75
CA ALA A 214 17.73 -6.77 -4.85
C ALA A 214 16.88 -7.34 -3.71
N GLY A 215 15.59 -7.57 -3.99
CA GLY A 215 14.70 -8.10 -2.98
C GLY A 215 14.16 -7.01 -2.07
N ILE A 216 14.55 -5.77 -2.31
CA ILE A 216 14.05 -4.66 -1.52
C ILE A 216 12.89 -4.00 -2.23
N PHE A 217 11.78 -3.86 -1.51
CA PHE A 217 10.62 -3.13 -2.00
C PHE A 217 10.71 -1.69 -1.52
N GLU A 218 10.55 -0.76 -2.45
CA GLU A 218 10.40 0.63 -2.08
C GLU A 218 9.08 1.10 -2.63
N VAL A 219 8.27 1.78 -1.81
CA VAL A 219 7.03 2.35 -2.32
C VAL A 219 7.40 3.70 -2.93
N LYS A 220 7.21 3.83 -4.24
CA LYS A 220 7.46 5.10 -4.91
C LYS A 220 6.28 6.02 -4.76
N SER A 221 5.08 5.47 -4.92
CA SER A 221 3.91 6.33 -4.75
C SER A 221 2.65 5.55 -4.42
N THR A 222 1.66 6.24 -3.88
CA THR A 222 0.34 5.65 -3.67
C THR A 222 -0.75 6.64 -4.05
N ALA A 223 -1.84 6.12 -4.58
CA ALA A 223 -2.97 6.97 -4.90
C ALA A 223 -4.22 6.13 -4.87
N GLY A 224 -5.37 6.76 -5.10
CA GLY A 224 -6.59 5.97 -5.17
C GLY A 224 -7.80 6.71 -4.71
N ASP A 225 -8.84 5.92 -4.44
CA ASP A 225 -10.12 6.46 -3.98
C ASP A 225 -10.61 5.54 -2.85
N THR A 226 -10.75 6.10 -1.66
CA THR A 226 -11.04 5.30 -0.47
C THR A 226 -12.52 4.92 -0.42
N HIS A 227 -13.32 5.61 -1.23
CA HIS A 227 -14.75 5.36 -1.39
C HIS A 227 -15.31 4.58 -2.59
N LEU A 228 -14.44 4.03 -3.44
CA LEU A 228 -14.87 3.46 -4.71
C LEU A 228 -14.64 1.95 -4.75
N GLY A 229 -15.65 1.21 -5.23
CA GLY A 229 -15.54 -0.23 -5.35
C GLY A 229 -16.75 -0.88 -6.01
N GLY A 230 -16.78 -2.22 -6.00
CA GLY A 230 -17.84 -2.97 -6.65
C GLY A 230 -19.25 -2.58 -6.26
N GLU A 231 -19.43 -2.19 -5.02
CA GLU A 231 -20.76 -1.80 -4.55
C GLU A 231 -21.29 -0.61 -5.35
N ASP A 232 -20.41 0.29 -5.74
CA ASP A 232 -20.85 1.45 -6.54
C ASP A 232 -21.34 1.00 -7.92
N PHE A 233 -20.65 0.01 -8.48
CA PHE A 233 -21.00 -0.51 -9.78
C PHE A 233 -22.34 -1.21 -9.69
N ASP A 234 -22.51 -2.02 -8.65
CA ASP A 234 -23.81 -2.61 -8.34
C ASP A 234 -24.88 -1.55 -8.21
N ASN A 235 -24.57 -0.49 -7.47
CA ASN A 235 -25.54 0.58 -7.26
C ASN A 235 -26.02 1.22 -8.57
N ARG A 236 -25.09 1.48 -9.50
CA ARG A 236 -25.53 1.97 -10.82
C ARG A 236 -26.60 1.08 -11.48
N MET A 237 -26.38 -0.24 -11.44
CA MET A 237 -27.34 -1.18 -12.02
C MET A 237 -28.66 -1.14 -11.25
N VAL A 238 -28.56 -1.13 -9.92
CA VAL A 238 -29.78 -1.03 -9.10
C VAL A 238 -30.61 0.18 -9.50
N ASN A 239 -29.98 1.35 -9.54
CA ASN A 239 -30.76 2.55 -9.91
C ASN A 239 -31.32 2.46 -11.33
N HIS A 240 -30.49 1.93 -12.23
CA HIS A 240 -30.98 1.66 -13.59
C HIS A 240 -32.28 0.88 -13.54
N PHE A 241 -32.29 -0.20 -12.78
CA PHE A 241 -33.48 -1.06 -12.76
C PHE A 241 -34.66 -0.47 -12.01
N ILE A 242 -34.40 0.31 -10.96
CA ILE A 242 -35.49 1.05 -10.34
C ILE A 242 -36.15 1.94 -11.39
N ALA A 243 -35.34 2.69 -12.13
CA ALA A 243 -35.89 3.54 -13.18
C ALA A 243 -36.64 2.73 -14.25
N GLU A 244 -36.05 1.62 -14.71
CA GLU A 244 -36.75 0.79 -15.68
C GLU A 244 -38.13 0.31 -15.15
N PHE A 245 -38.16 -0.10 -13.89
CA PHE A 245 -39.42 -0.56 -13.31
C PHE A 245 -40.40 0.60 -13.27
N LYS A 246 -39.98 1.75 -12.75
CA LYS A 246 -40.87 2.91 -12.70
C LYS A 246 -41.41 3.25 -14.09
N ARG A 247 -40.54 3.19 -15.09
CA ARG A 247 -40.93 3.49 -16.45
C ARG A 247 -41.95 2.50 -16.98
N LYS A 248 -41.68 1.21 -16.81
CA LYS A 248 -42.60 0.18 -17.33
C LYS A 248 -43.90 0.05 -16.53
N HIS A 249 -43.78 -0.13 -15.23
CA HIS A 249 -44.94 -0.39 -14.37
C HIS A 249 -45.52 0.82 -13.66
N LYS A 250 -44.91 1.98 -13.85
CA LYS A 250 -45.44 3.21 -13.25
C LYS A 250 -45.43 3.13 -11.73
N LYS A 251 -44.51 2.37 -11.17
CA LYS A 251 -44.38 2.29 -9.73
C LYS A 251 -42.93 2.48 -9.36
N ASP A 252 -42.69 3.19 -8.26
CA ASP A 252 -41.35 3.34 -7.74
C ASP A 252 -41.21 2.42 -6.54
N ILE A 253 -40.32 1.42 -6.65
CA ILE A 253 -40.19 0.41 -5.59
C ILE A 253 -39.33 0.89 -4.43
N SER A 254 -38.71 2.06 -4.57
CA SER A 254 -37.78 2.56 -3.55
C SER A 254 -38.40 2.58 -2.17
N GLU A 255 -39.71 2.79 -2.12
CA GLU A 255 -40.44 2.84 -0.86
C GLU A 255 -40.24 1.55 -0.05
N ASN A 256 -40.18 0.41 -0.75
CA ASN A 256 -40.09 -0.89 -0.08
C ASN A 256 -38.66 -1.39 0.07
N LYS A 257 -38.19 -1.46 1.32
CA LYS A 257 -36.79 -1.79 1.60
C LYS A 257 -36.42 -3.17 1.09
N ARG A 258 -37.26 -4.15 1.37
CA ARG A 258 -36.96 -5.52 0.95
C ARG A 258 -36.89 -5.64 -0.58
N ALA A 259 -37.80 -4.97 -1.29
CA ALA A 259 -37.78 -5.02 -2.75
C ALA A 259 -36.44 -4.52 -3.28
N VAL A 260 -36.00 -3.41 -2.70
CA VAL A 260 -34.72 -2.84 -3.07
C VAL A 260 -33.62 -3.83 -2.71
N ARG A 261 -33.69 -4.46 -1.53
CA ARG A 261 -32.68 -5.48 -1.18
C ARG A 261 -32.60 -6.60 -2.23
N ARG A 262 -33.76 -7.16 -2.58
CA ARG A 262 -33.81 -8.25 -3.56
C ARG A 262 -33.23 -7.82 -4.91
N LEU A 263 -33.62 -6.62 -5.33
CA LEU A 263 -33.05 -6.06 -6.56
C LEU A 263 -31.51 -6.00 -6.46
N ARG A 264 -31.01 -5.47 -5.35
CA ARG A 264 -29.56 -5.30 -5.16
C ARG A 264 -28.86 -6.66 -5.22
N THR A 265 -29.42 -7.65 -4.55
CA THR A 265 -28.84 -9.00 -4.65
C THR A 265 -28.78 -9.52 -6.09
N ALA A 266 -29.91 -9.39 -6.79
CA ALA A 266 -29.94 -9.81 -8.19
C ALA A 266 -28.90 -9.06 -9.04
N CYS A 267 -28.79 -7.75 -8.84
CA CYS A 267 -27.81 -6.97 -9.62
C CYS A 267 -26.39 -7.40 -9.31
N GLU A 268 -26.10 -7.66 -8.04
CA GLU A 268 -24.76 -8.16 -7.71
C GLU A 268 -24.49 -9.48 -8.48
N ARG A 269 -25.43 -10.41 -8.41
CA ARG A 269 -25.20 -11.64 -9.19
C ARG A 269 -25.02 -11.37 -10.69
N ALA A 270 -25.88 -10.52 -11.24
CA ALA A 270 -25.82 -10.20 -12.65
C ALA A 270 -24.46 -9.59 -13.00
N LYS A 271 -23.99 -8.70 -12.13
CA LYS A 271 -22.72 -8.05 -12.39
C LYS A 271 -21.67 -9.13 -12.47
N ARG A 272 -21.71 -10.06 -11.52
CA ARG A 272 -20.73 -11.14 -11.64
C ARG A 272 -20.87 -11.91 -12.96
N THR A 273 -22.10 -12.21 -13.36
CA THR A 273 -22.27 -12.90 -14.64
C THR A 273 -21.64 -12.11 -15.81
N LEU A 274 -21.85 -10.79 -15.80
CA LEU A 274 -21.37 -9.94 -16.89
C LEU A 274 -19.85 -9.91 -17.03
N SER A 275 -19.12 -10.43 -16.05
CA SER A 275 -17.67 -10.53 -16.23
C SER A 275 -17.30 -11.68 -17.16
N SER A 276 -18.02 -12.79 -17.10
CA SER A 276 -17.81 -13.86 -18.11
C SER A 276 -18.81 -14.00 -19.27
N SER A 277 -19.89 -13.23 -19.30
CA SER A 277 -20.86 -13.31 -20.38
C SER A 277 -21.17 -11.91 -20.84
N THR A 278 -21.71 -11.78 -22.05
CA THR A 278 -22.01 -10.48 -22.61
C THR A 278 -23.43 -10.03 -22.28
N GLN A 279 -24.16 -10.84 -21.53
CA GLN A 279 -25.43 -10.38 -20.98
C GLN A 279 -25.82 -11.18 -19.76
N ALA A 280 -26.71 -10.62 -18.95
CA ALA A 280 -27.20 -11.33 -17.79
C ALA A 280 -28.70 -11.09 -17.62
N SER A 281 -29.38 -12.11 -17.12
CA SER A 281 -30.82 -12.04 -16.94
C SER A 281 -31.15 -11.79 -15.48
N ILE A 282 -32.11 -10.91 -15.26
CA ILE A 282 -32.62 -10.60 -13.93
C ILE A 282 -34.03 -11.15 -13.83
N GLU A 283 -34.27 -12.06 -12.92
CA GLU A 283 -35.63 -12.60 -12.76
C GLU A 283 -36.07 -12.50 -11.32
N ILE A 284 -37.07 -11.67 -11.04
CA ILE A 284 -37.53 -11.54 -9.66
C ILE A 284 -39.03 -11.69 -9.58
N ASP A 285 -39.48 -12.72 -8.88
CA ASP A 285 -40.90 -12.97 -8.72
C ASP A 285 -41.46 -11.94 -7.76
N SER A 286 -42.59 -11.36 -8.13
CA SER A 286 -43.29 -10.42 -7.28
C SER A 286 -42.33 -9.43 -6.65
N LEU A 287 -41.69 -8.63 -7.49
CA LEU A 287 -40.74 -7.63 -7.01
C LEU A 287 -41.48 -6.58 -6.20
N TYR A 288 -42.53 -6.02 -6.79
CA TYR A 288 -43.31 -4.98 -6.14
C TYR A 288 -44.76 -5.08 -6.59
N GLU A 289 -45.67 -4.88 -5.64
CA GLU A 289 -47.10 -4.95 -5.90
C GLU A 289 -47.48 -6.16 -6.76
N GLY A 290 -46.81 -7.29 -6.48
CA GLY A 290 -47.16 -8.55 -7.10
C GLY A 290 -46.70 -8.68 -8.54
N ILE A 291 -45.93 -7.70 -9.00
CA ILE A 291 -45.46 -7.67 -10.37
C ILE A 291 -44.12 -8.37 -10.50
N ASP A 292 -44.07 -9.36 -11.38
CA ASP A 292 -42.83 -10.09 -11.62
C ASP A 292 -41.88 -9.20 -12.40
N PHE A 293 -40.60 -9.17 -12.03
CA PHE A 293 -39.64 -8.44 -12.85
C PHE A 293 -38.66 -9.41 -13.48
N TYR A 294 -38.85 -9.64 -14.77
CA TYR A 294 -37.95 -10.50 -15.54
C TYR A 294 -37.42 -9.63 -16.66
N THR A 295 -36.11 -9.39 -16.64
CA THR A 295 -35.51 -8.54 -17.63
C THR A 295 -34.07 -8.98 -17.80
N SER A 296 -33.30 -8.21 -18.56
CA SER A 296 -31.89 -8.53 -18.77
C SER A 296 -31.06 -7.26 -18.92
N ILE A 297 -29.74 -7.42 -18.85
CA ILE A 297 -28.85 -6.31 -19.14
C ILE A 297 -27.60 -6.80 -19.88
N THR A 298 -27.20 -6.07 -20.91
CA THR A 298 -25.96 -6.38 -21.64
C THR A 298 -24.73 -5.85 -20.91
N ARG A 299 -23.58 -6.46 -21.19
CA ARG A 299 -22.34 -5.94 -20.65
C ARG A 299 -22.14 -4.49 -21.07
N ALA A 300 -22.40 -4.19 -22.35
CA ALA A 300 -22.19 -2.82 -22.84
C ALA A 300 -23.03 -1.81 -22.04
N ARG A 301 -24.25 -2.21 -21.71
CA ARG A 301 -25.14 -1.33 -20.96
C ARG A 301 -24.62 -1.09 -19.54
N PHE A 302 -24.17 -2.17 -18.91
CA PHE A 302 -23.56 -2.10 -17.60
C PHE A 302 -22.33 -1.19 -17.65
N GLU A 303 -21.53 -1.34 -18.70
CA GLU A 303 -20.34 -0.52 -18.89
C GLU A 303 -20.70 0.97 -19.06
N GLU A 304 -21.77 1.22 -19.82
CA GLU A 304 -22.24 2.57 -20.03
C GLU A 304 -22.75 3.15 -18.71
N LEU A 305 -23.47 2.34 -17.94
CA LEU A 305 -23.99 2.81 -16.65
C LEU A 305 -22.85 3.21 -15.72
N ASN A 306 -21.72 2.54 -15.87
CA ASN A 306 -20.52 2.78 -15.07
C ASN A 306 -19.41 3.65 -15.67
N ALA A 307 -19.64 4.20 -16.86
CA ALA A 307 -18.52 4.67 -17.70
C ALA A 307 -17.59 5.65 -16.96
N ASP A 308 -18.17 6.58 -16.20
CA ASP A 308 -17.37 7.57 -15.46
C ASP A 308 -16.56 6.91 -14.35
N LEU A 309 -17.18 5.99 -13.62
CA LEU A 309 -16.47 5.27 -12.56
C LEU A 309 -15.31 4.45 -13.10
N PHE A 310 -15.55 3.72 -14.20
CA PHE A 310 -14.52 2.87 -14.78
C PHE A 310 -13.41 3.72 -15.36
N ARG A 311 -13.75 4.69 -16.20
CA ARG A 311 -12.69 5.47 -16.82
C ARG A 311 -11.95 6.26 -15.74
N GLY A 312 -12.67 6.64 -14.67
CA GLY A 312 -12.04 7.33 -13.56
C GLY A 312 -10.90 6.62 -12.84
N THR A 313 -10.82 5.29 -12.95
CA THR A 313 -9.78 4.55 -12.24
C THR A 313 -8.38 4.87 -12.79
N LEU A 314 -8.32 5.31 -14.04
CA LEU A 314 -7.05 5.73 -14.67
C LEU A 314 -6.46 7.01 -14.05
N ASP A 315 -7.30 7.84 -13.46
CA ASP A 315 -6.80 9.09 -12.89
C ASP A 315 -5.81 8.86 -11.74
N PRO A 316 -6.17 8.02 -10.76
CA PRO A 316 -5.13 7.70 -9.77
C PRO A 316 -3.90 6.97 -10.31
N VAL A 317 -4.04 6.22 -11.39
CA VAL A 317 -2.89 5.58 -12.01
C VAL A 317 -1.95 6.68 -12.53
N GLU A 318 -2.52 7.62 -13.26
CA GLU A 318 -1.77 8.77 -13.76
C GLU A 318 -1.07 9.55 -12.64
N LYS A 319 -1.79 9.83 -11.57
CA LYS A 319 -1.22 10.61 -10.47
C LYS A 319 -0.09 9.85 -9.78
N ALA A 320 -0.25 8.55 -9.62
CA ALA A 320 0.79 7.75 -9.01
C ALA A 320 2.02 7.78 -9.91
N LEU A 321 1.80 7.70 -11.22
CA LEU A 321 2.92 7.71 -12.15
C LEU A 321 3.66 9.05 -12.03
N ARG A 322 2.93 10.15 -11.99
CA ARG A 322 3.55 11.46 -11.77
C ARG A 322 4.33 11.49 -10.46
N ASP A 323 3.70 11.04 -9.38
CA ASP A 323 4.31 11.17 -8.07
C ASP A 323 5.54 10.29 -7.99
N ALA A 324 5.54 9.21 -8.78
CA ALA A 324 6.65 8.27 -8.79
C ALA A 324 7.70 8.71 -9.81
N LYS A 325 7.41 9.78 -10.55
CA LYS A 325 8.32 10.29 -11.56
C LYS A 325 8.66 9.17 -12.53
N LEU A 326 7.63 8.52 -13.03
CA LEU A 326 7.77 7.45 -13.99
C LEU A 326 6.83 7.68 -15.14
N ASP A 327 7.33 7.40 -16.35
CA ASP A 327 6.49 7.32 -17.54
C ASP A 327 5.80 5.95 -17.52
N LYS A 328 4.58 5.88 -18.04
CA LYS A 328 3.83 4.64 -18.04
C LYS A 328 4.68 3.52 -18.66
N SER A 329 5.49 3.88 -19.65
CA SER A 329 6.33 2.92 -20.34
C SER A 329 7.42 2.35 -19.45
N GLN A 330 7.65 2.97 -18.30
CA GLN A 330 8.67 2.51 -17.39
C GLN A 330 8.16 1.45 -16.39
N ILE A 331 6.89 1.08 -16.49
CA ILE A 331 6.34 0.05 -15.59
C ILE A 331 6.60 -1.35 -16.14
N HIS A 332 7.32 -2.16 -15.36
CA HIS A 332 7.69 -3.51 -15.77
C HIS A 332 6.60 -4.55 -15.56
N ASP A 333 5.82 -4.39 -14.50
CA ASP A 333 4.81 -5.36 -14.10
C ASP A 333 3.54 -4.64 -13.63
N ILE A 334 2.40 -5.11 -14.11
CA ILE A 334 1.11 -4.64 -13.60
C ILE A 334 0.36 -5.79 -12.93
N VAL A 335 -0.09 -5.57 -11.69
CA VAL A 335 -0.78 -6.60 -10.93
C VAL A 335 -2.21 -6.23 -10.59
N LEU A 336 -3.15 -7.10 -10.97
CA LEU A 336 -4.55 -6.90 -10.64
C LEU A 336 -4.91 -7.57 -9.32
N VAL A 337 -5.38 -6.75 -8.38
CA VAL A 337 -5.83 -7.21 -7.07
C VAL A 337 -7.25 -6.70 -6.83
N GLY A 338 -8.06 -7.49 -6.12
CA GLY A 338 -9.41 -7.09 -5.76
C GLY A 338 -10.44 -7.58 -6.76
N GLY A 339 -11.64 -7.92 -6.27
CA GLY A 339 -12.62 -8.63 -7.08
C GLY A 339 -13.09 -7.84 -8.30
N SER A 340 -13.14 -6.53 -8.14
CA SER A 340 -13.67 -5.70 -9.22
C SER A 340 -12.73 -5.65 -10.44
N THR A 341 -11.48 -6.07 -10.28
CA THR A 341 -10.60 -6.15 -11.44
C THR A 341 -11.00 -7.31 -12.35
N ARG A 342 -11.97 -8.12 -11.92
CA ARG A 342 -12.49 -9.12 -12.84
C ARG A 342 -13.24 -8.49 -14.01
N ILE A 343 -13.66 -7.24 -13.86
CA ILE A 343 -14.54 -6.62 -14.86
C ILE A 343 -13.78 -6.36 -16.17
N PRO A 344 -14.27 -6.95 -17.27
CA PRO A 344 -13.50 -6.82 -18.52
C PRO A 344 -13.19 -5.38 -18.93
N LYS A 345 -14.11 -4.45 -18.71
CA LYS A 345 -13.88 -3.08 -19.15
C LYS A 345 -12.71 -2.47 -18.39
N ILE A 346 -12.62 -2.81 -17.11
CA ILE A 346 -11.53 -2.29 -16.28
C ILE A 346 -10.20 -2.79 -16.83
N GLN A 347 -10.14 -4.11 -17.02
CA GLN A 347 -8.94 -4.73 -17.58
C GLN A 347 -8.58 -4.10 -18.93
N LYS A 348 -9.57 -3.90 -19.80
CA LYS A 348 -9.28 -3.28 -21.11
C LYS A 348 -8.78 -1.84 -21.02
N LEU A 349 -9.47 -1.05 -20.20
CA LEU A 349 -9.10 0.35 -19.97
C LEU A 349 -7.63 0.37 -19.56
N LEU A 350 -7.30 -0.47 -18.59
CA LEU A 350 -5.95 -0.49 -18.05
C LEU A 350 -4.92 -0.99 -19.07
N GLN A 351 -5.22 -2.07 -19.78
CA GLN A 351 -4.29 -2.56 -20.78
C GLN A 351 -4.07 -1.57 -21.94
N ASP A 352 -5.16 -0.95 -22.38
CA ASP A 352 -5.06 0.08 -23.41
C ASP A 352 -4.20 1.23 -22.89
N PHE A 353 -4.46 1.72 -21.69
CA PHE A 353 -3.62 2.78 -21.11
C PHE A 353 -2.14 2.41 -21.21
N PHE A 354 -1.87 1.14 -20.97
CA PHE A 354 -0.51 0.61 -20.93
C PHE A 354 -0.02 0.11 -22.30
N ASN A 355 -0.82 0.38 -23.33
CA ASN A 355 -0.44 0.08 -24.71
C ASN A 355 -0.25 -1.40 -24.96
N GLY A 356 -1.21 -2.19 -24.49
CA GLY A 356 -1.30 -3.58 -24.89
C GLY A 356 -0.57 -4.51 -23.94
N LYS A 357 0.15 -3.92 -22.98
CA LYS A 357 0.93 -4.69 -22.03
C LYS A 357 0.06 -5.69 -21.30
N GLU A 358 0.59 -6.88 -21.10
CA GLU A 358 -0.13 -7.96 -20.42
C GLU A 358 -0.17 -7.74 -18.91
N LEU A 359 -1.35 -7.93 -18.32
CA LEU A 359 -1.55 -7.76 -16.87
C LEU A 359 -1.27 -9.05 -16.09
N ASN A 360 -0.73 -8.98 -14.86
CA ASN A 360 -0.65 -10.24 -14.14
C ASN A 360 -1.95 -10.30 -13.36
N LYS A 361 -2.87 -11.10 -13.90
CA LYS A 361 -4.11 -11.53 -13.28
C LYS A 361 -4.31 -12.99 -12.80
N SER A 362 -3.36 -13.88 -13.00
CA SER A 362 -3.69 -15.31 -12.93
C SER A 362 -4.06 -15.78 -11.52
N ILE A 363 -3.62 -15.06 -10.51
CA ILE A 363 -3.95 -15.44 -9.14
C ILE A 363 -5.27 -14.80 -8.77
N ASN A 364 -6.15 -15.56 -8.12
CA ASN A 364 -7.49 -15.06 -7.83
C ASN A 364 -7.33 -13.71 -7.15
N PRO A 365 -7.92 -12.66 -7.76
CA PRO A 365 -7.60 -11.32 -7.29
C PRO A 365 -8.14 -11.09 -5.88
N ASP A 366 -9.10 -11.91 -5.45
CA ASP A 366 -9.59 -11.77 -4.08
C ASP A 366 -8.57 -12.32 -3.11
N GLU A 367 -7.81 -13.32 -3.57
CA GLU A 367 -6.90 -14.05 -2.68
C GLU A 367 -5.42 -13.68 -2.72
N ALA A 368 -5.05 -12.82 -3.64
CA ALA A 368 -3.65 -12.68 -4.00
C ALA A 368 -2.87 -12.10 -2.83
N VAL A 369 -3.48 -11.15 -2.12
CA VAL A 369 -2.80 -10.52 -0.98
C VAL A 369 -2.56 -11.56 0.12
N ALA A 370 -3.61 -12.31 0.48
CA ALA A 370 -3.44 -13.38 1.46
C ALA A 370 -2.37 -14.36 0.97
N TYR A 371 -2.40 -14.66 -0.31
CA TYR A 371 -1.44 -15.59 -0.94
C TYR A 371 -0.01 -15.13 -0.64
N GLY A 372 0.26 -13.88 -1.01
CA GLY A 372 1.57 -13.30 -0.76
C GLY A 372 1.91 -13.29 0.71
N ALA A 373 0.92 -12.99 1.54
CA ALA A 373 1.15 -12.98 2.97
C ALA A 373 1.55 -14.37 3.46
N ALA A 374 0.88 -15.39 2.93
CA ALA A 374 1.16 -16.77 3.30
C ALA A 374 2.58 -17.16 2.90
N VAL A 375 2.94 -16.79 1.67
CA VAL A 375 4.32 -17.01 1.22
C VAL A 375 5.32 -16.36 2.19
N GLN A 376 5.12 -15.07 2.47
CA GLN A 376 6.05 -14.38 3.36
C GLN A 376 6.09 -14.99 4.75
N ALA A 377 4.93 -15.42 5.24
CA ALA A 377 4.89 -16.06 6.55
C ALA A 377 5.78 -17.29 6.51
N ALA A 378 5.59 -18.11 5.48
CA ALA A 378 6.41 -19.31 5.33
C ALA A 378 7.88 -18.94 5.36
N ILE A 379 8.28 -17.98 4.53
CA ILE A 379 9.67 -17.58 4.54
C ILE A 379 10.13 -17.22 5.95
N LEU A 380 9.34 -16.39 6.64
CA LEU A 380 9.74 -15.95 7.98
C LEU A 380 9.79 -17.07 9.03
N SER A 381 9.05 -18.17 8.82
CA SER A 381 9.16 -19.36 9.67
C SER A 381 10.19 -20.31 9.06
N GLY A 382 10.79 -19.85 7.97
CA GLY A 382 11.78 -20.58 7.19
C GLY A 382 11.14 -21.32 6.03
N ASP A 383 11.87 -21.41 4.92
CA ASP A 383 11.29 -21.84 3.66
C ASP A 383 12.22 -21.52 2.50
N ASP A 395 27.02 -7.86 -8.29
CA ASP A 395 27.18 -7.04 -7.11
C ASP A 395 26.75 -5.60 -7.35
N VAL A 396 26.02 -5.07 -6.38
CA VAL A 396 25.40 -3.77 -6.51
C VAL A 396 25.50 -3.00 -5.20
N THR A 397 25.22 -1.70 -5.25
CA THR A 397 25.38 -0.86 -4.08
C THR A 397 24.12 -0.99 -3.22
N PRO A 398 24.30 -1.30 -1.92
CA PRO A 398 23.15 -1.47 -1.04
C PRO A 398 22.41 -0.18 -0.70
N LEU A 399 23.12 0.95 -0.70
CA LEU A 399 22.56 2.22 -0.27
C LEU A 399 23.08 3.38 -1.13
N SER A 400 22.29 4.43 -1.27
CA SER A 400 22.72 5.61 -2.01
C SER A 400 23.96 6.22 -1.37
N LEU A 401 24.81 6.78 -2.20
CA LEU A 401 26.08 7.35 -1.76
C LEU A 401 26.16 8.76 -2.31
N GLY A 402 26.60 9.70 -1.47
CA GLY A 402 26.63 11.09 -1.88
C GLY A 402 27.51 11.95 -1.00
N ILE A 403 27.41 13.26 -1.17
CA ILE A 403 28.14 14.18 -0.29
C ILE A 403 27.27 15.31 0.25
N GLU A 404 27.72 15.88 1.35
CA GLU A 404 27.01 17.03 1.92
C GLU A 404 27.21 18.31 1.10
N THR A 405 26.11 18.98 0.79
CA THR A 405 26.16 20.28 0.15
C THR A 405 25.46 21.27 1.07
N ALA A 406 25.66 22.55 0.79
CA ALA A 406 25.39 23.61 1.73
C ALA A 406 23.99 23.46 2.33
N GLY A 407 23.92 23.68 3.65
CA GLY A 407 22.67 23.57 4.35
C GLY A 407 22.47 22.17 4.90
N GLY A 408 23.45 21.30 4.77
CA GLY A 408 23.37 19.96 5.32
C GLY A 408 22.60 19.00 4.43
N VAL A 409 22.53 19.29 3.13
CA VAL A 409 21.67 18.46 2.29
C VAL A 409 22.46 17.36 1.62
N MET A 410 21.81 16.22 1.48
CA MET A 410 22.45 15.04 0.91
C MET A 410 22.36 15.14 -0.60
N THR A 411 23.50 15.22 -1.27
CA THR A 411 23.48 15.23 -2.72
C THR A 411 24.08 13.91 -3.21
N VAL A 412 23.24 13.09 -3.82
CA VAL A 412 23.58 11.72 -4.19
C VAL A 412 24.38 11.64 -5.50
N LEU A 413 25.61 11.11 -5.43
CA LEU A 413 26.37 10.74 -6.64
C LEU A 413 26.04 9.37 -7.24
N ILE A 414 25.83 8.37 -6.39
CA ILE A 414 25.51 7.03 -6.88
C ILE A 414 24.24 6.50 -6.23
N LYS A 415 23.22 6.28 -7.05
CA LYS A 415 21.92 5.79 -6.59
C LYS A 415 22.04 4.39 -5.96
N ARG A 416 21.21 4.10 -4.97
CA ARG A 416 21.19 2.74 -4.40
C ARG A 416 20.94 1.72 -5.50
N ASN A 417 21.54 0.55 -5.36
CA ASN A 417 21.45 -0.55 -6.34
C ASN A 417 22.05 -0.30 -7.73
N THR A 418 23.10 0.51 -7.80
CA THR A 418 23.90 0.64 -9.01
C THR A 418 24.93 -0.49 -9.08
N THR A 419 25.07 -1.11 -10.25
CA THR A 419 26.05 -2.17 -10.44
C THR A 419 27.46 -1.67 -10.22
N ILE A 420 28.31 -2.49 -9.62
CA ILE A 420 29.75 -2.17 -9.51
C ILE A 420 30.53 -3.18 -10.35
N PRO A 421 31.74 -2.80 -10.82
CA PRO A 421 32.40 -1.52 -10.53
C PRO A 421 31.63 -0.35 -11.11
N THR A 422 31.85 0.83 -10.56
CA THR A 422 31.20 2.01 -11.12
C THR A 422 32.04 3.24 -10.85
N LYS A 423 31.96 4.21 -11.75
CA LYS A 423 32.55 5.53 -11.52
C LYS A 423 31.49 6.58 -11.80
N GLN A 424 31.36 7.57 -10.92
CA GLN A 424 30.43 8.66 -11.15
CA GLN A 424 30.44 8.67 -11.16
C GLN A 424 31.04 9.98 -10.73
N THR A 425 30.89 10.99 -11.59
CA THR A 425 31.48 12.30 -11.37
C THR A 425 30.45 13.42 -11.41
N GLN A 426 30.58 14.40 -10.52
CA GLN A 426 29.74 15.60 -10.56
C GLN A 426 30.54 16.84 -10.21
N THR A 427 30.16 17.97 -10.81
CA THR A 427 30.85 19.23 -10.53
C THR A 427 30.13 20.06 -9.49
N PHE A 428 30.91 20.59 -8.55
CA PHE A 428 30.40 21.43 -7.48
C PHE A 428 31.14 22.77 -7.44
N THR A 429 30.56 23.74 -6.73
CA THR A 429 31.19 25.04 -6.56
C THR A 429 31.18 25.48 -5.07
N THR A 430 31.70 26.69 -4.82
CA THR A 430 31.79 27.23 -3.46
C THR A 430 30.52 27.99 -3.09
N TYR A 431 30.13 27.92 -1.81
CA TYR A 431 28.92 28.60 -1.32
C TYR A 431 29.10 30.11 -1.05
N SER A 432 30.28 30.52 -0.61
CA SER A 432 30.52 31.93 -0.28
C SER A 432 31.74 32.49 -1.00
N ASP A 433 31.85 33.82 -1.05
CA ASP A 433 32.97 34.46 -1.75
C ASP A 433 34.32 34.12 -1.12
N ASN A 434 35.31 33.90 -1.98
CA ASN A 434 36.69 33.77 -1.54
C ASN A 434 36.85 32.61 -0.56
N GLN A 435 35.96 31.63 -0.66
CA GLN A 435 36.11 30.39 0.09
C GLN A 435 37.40 29.72 -0.36
N PRO A 436 38.36 29.55 0.56
CA PRO A 436 39.68 28.93 0.40
C PRO A 436 39.67 27.40 0.27
N GLY A 437 38.60 26.74 0.71
CA GLY A 437 38.57 25.28 0.66
C GLY A 437 37.17 24.73 0.62
N VAL A 438 37.04 23.43 0.33
CA VAL A 438 35.74 22.76 0.52
C VAL A 438 35.89 21.46 1.31
N LEU A 439 34.86 21.13 2.06
CA LEU A 439 34.87 19.91 2.85
C LEU A 439 34.08 18.87 2.07
N ILE A 440 34.70 17.76 1.74
CA ILE A 440 34.01 16.69 1.03
C ILE A 440 33.65 15.66 2.09
N GLN A 441 32.34 15.58 2.33
CA GLN A 441 31.78 14.74 3.39
C GLN A 441 30.92 13.67 2.74
N VAL A 442 31.43 12.43 2.81
CA VAL A 442 30.86 11.30 2.07
C VAL A 442 29.81 10.62 2.97
N TYR A 443 28.57 10.61 2.48
CA TYR A 443 27.44 10.04 3.22
C TYR A 443 26.79 8.87 2.47
N GLU A 444 26.12 8.03 3.26
CA GLU A 444 25.42 6.87 2.72
C GLU A 444 24.05 6.82 3.38
N GLY A 445 23.00 6.76 2.58
CA GLY A 445 21.65 6.62 3.11
C GLY A 445 20.63 7.17 2.14
N GLU A 446 19.36 6.95 2.44
CA GLU A 446 18.26 7.37 1.56
C GLU A 446 17.57 8.66 1.95
N ARG A 447 18.01 9.28 3.04
CA ARG A 447 17.38 10.50 3.54
C ARG A 447 17.86 11.78 2.84
N ALA A 448 17.03 12.80 2.82
CA ALA A 448 17.37 14.06 2.15
C ALA A 448 18.45 14.87 2.87
N MET A 449 18.46 14.81 4.20
CA MET A 449 19.42 15.59 4.97
C MET A 449 20.49 14.69 5.57
N THR A 450 21.73 15.16 5.55
CA THR A 450 22.83 14.32 5.98
C THR A 450 22.70 13.95 7.45
N LYS A 451 22.00 14.79 8.22
CA LYS A 451 21.77 14.51 9.65
C LYS A 451 21.25 13.10 9.77
N ASP A 452 20.43 12.71 8.80
CA ASP A 452 19.68 11.47 8.84
C ASP A 452 20.35 10.33 8.09
N ASN A 453 21.54 10.57 7.56
CA ASN A 453 22.27 9.55 6.84
C ASN A 453 23.50 9.22 7.65
N ASN A 454 24.36 8.36 7.12
CA ASN A 454 25.56 7.97 7.82
C ASN A 454 26.82 8.51 7.14
N LEU A 455 27.67 9.16 7.94
CA LEU A 455 28.92 9.75 7.43
C LEU A 455 29.95 8.63 7.31
N LEU A 456 30.44 8.37 6.12
CA LEU A 456 31.50 7.37 5.96
C LEU A 456 32.91 7.91 6.03
N GLY A 457 33.07 9.20 5.89
CA GLY A 457 34.40 9.80 5.88
C GLY A 457 34.39 11.20 5.32
N LYS A 458 35.47 11.92 5.55
CA LYS A 458 35.53 13.30 5.08
C LYS A 458 36.98 13.72 4.83
N PHE A 459 37.11 14.67 3.93
CA PHE A 459 38.42 15.24 3.68
C PHE A 459 38.24 16.61 3.10
N GLU A 460 39.32 17.39 3.10
CA GLU A 460 39.27 18.77 2.63
C GLU A 460 40.02 18.94 1.33
N LEU A 461 39.50 19.81 0.46
CA LEU A 461 40.29 20.25 -0.67
C LEU A 461 40.59 21.72 -0.39
N THR A 462 41.85 22.01 -0.09
CA THR A 462 42.29 23.37 0.27
C THR A 462 42.97 24.03 -0.91
N GLY A 463 43.39 25.28 -0.73
CA GLY A 463 44.17 25.97 -1.74
C GLY A 463 43.37 26.50 -2.91
N ILE A 464 42.07 26.68 -2.72
CA ILE A 464 41.21 27.19 -3.79
C ILE A 464 41.47 28.69 -3.99
N PRO A 465 41.96 29.09 -5.18
CA PRO A 465 42.20 30.51 -5.43
C PRO A 465 40.96 31.36 -5.15
N PRO A 466 41.12 32.52 -4.52
CA PRO A 466 39.94 33.33 -4.16
C PRO A 466 39.13 33.66 -5.39
N ALA A 467 37.83 33.38 -5.33
CA ALA A 467 36.91 33.67 -6.41
C ALA A 467 35.53 33.99 -5.84
N PRO A 468 34.71 34.72 -6.59
CA PRO A 468 33.35 34.92 -6.10
C PRO A 468 32.66 33.57 -5.87
N ARG A 469 31.68 33.54 -4.96
CA ARG A 469 30.92 32.33 -4.72
C ARG A 469 30.36 31.82 -6.05
N GLY A 470 30.44 30.51 -6.27
CA GLY A 470 29.91 29.91 -7.48
C GLY A 470 30.84 29.86 -8.69
N VAL A 471 31.95 30.61 -8.66
CA VAL A 471 33.00 30.49 -9.69
C VAL A 471 33.89 29.22 -9.69
N PRO A 472 34.51 28.91 -8.55
CA PRO A 472 35.38 27.71 -8.57
C PRO A 472 34.63 26.48 -9.02
N GLN A 473 35.31 25.58 -9.74
CA GLN A 473 34.71 24.34 -10.20
C GLN A 473 35.47 23.14 -9.60
N ILE A 474 34.81 22.40 -8.73
CA ILE A 474 35.44 21.29 -8.04
C ILE A 474 34.80 20.01 -8.52
N GLU A 475 35.59 19.16 -9.17
CA GLU A 475 35.06 17.93 -9.73
C GLU A 475 35.20 16.83 -8.70
N VAL A 476 34.05 16.29 -8.27
CA VAL A 476 34.03 15.19 -7.31
C VAL A 476 33.73 13.85 -8.00
N THR A 477 34.55 12.85 -7.70
CA THR A 477 34.42 11.51 -8.32
C THR A 477 34.29 10.42 -7.26
N PHE A 478 33.24 9.60 -7.40
CA PHE A 478 33.03 8.41 -6.59
C PHE A 478 33.34 7.21 -7.46
N ASP A 479 34.34 6.43 -7.07
CA ASP A 479 34.74 5.24 -7.82
C ASP A 479 34.67 4.03 -6.93
N ILE A 480 33.89 3.03 -7.34
CA ILE A 480 33.77 1.80 -6.58
C ILE A 480 34.27 0.63 -7.42
N ASP A 481 35.30 -0.06 -6.91
CA ASP A 481 35.86 -1.20 -7.62
C ASP A 481 35.02 -2.45 -7.39
N ALA A 482 35.42 -3.56 -7.99
CA ALA A 482 34.61 -4.77 -7.99
C ALA A 482 34.39 -5.30 -6.57
N ASN A 483 35.33 -5.00 -5.67
CA ASN A 483 35.25 -5.48 -4.29
C ASN A 483 34.49 -4.50 -3.39
N GLY A 484 33.98 -3.42 -3.98
CA GLY A 484 33.15 -2.47 -3.25
C GLY A 484 33.93 -1.42 -2.47
N ILE A 485 35.23 -1.32 -2.73
CA ILE A 485 36.03 -0.33 -2.02
C ILE A 485 35.75 1.01 -2.68
N LEU A 486 35.38 2.00 -1.86
CA LEU A 486 34.93 3.27 -2.43
C LEU A 486 36.07 4.27 -2.36
N ASN A 487 36.48 4.79 -3.51
CA ASN A 487 37.47 5.86 -3.55
C ASN A 487 36.81 7.16 -3.98
N VAL A 488 36.93 8.18 -3.14
CA VAL A 488 36.30 9.46 -3.45
C VAL A 488 37.36 10.53 -3.61
N SER A 489 37.29 11.25 -4.72
CA SER A 489 38.31 12.25 -4.98
C SER A 489 37.70 13.58 -5.40
N ALA A 490 38.40 14.66 -5.10
CA ALA A 490 37.99 15.96 -5.57
C ALA A 490 39.17 16.63 -6.25
N VAL A 491 38.86 17.28 -7.37
CA VAL A 491 39.86 18.00 -8.17
C VAL A 491 39.44 19.46 -8.37
N ASP A 492 40.34 20.40 -8.11
CA ASP A 492 40.06 21.79 -8.46
C ASP A 492 40.35 21.89 -9.95
N LYS A 493 39.33 22.20 -10.75
CA LYS A 493 39.49 22.14 -12.20
C LYS A 493 40.32 23.30 -12.75
N SER A 494 40.59 24.31 -11.93
CA SER A 494 41.43 25.39 -12.41
C SER A 494 42.92 25.06 -12.32
N THR A 495 43.33 24.43 -11.22
CA THR A 495 44.71 23.97 -11.05
C THR A 495 45.10 22.48 -11.25
N GLY A 496 44.13 21.59 -11.42
CA GLY A 496 44.38 20.16 -11.33
C GLY A 496 44.71 19.62 -9.94
N LYS A 497 44.76 20.47 -8.90
CA LYS A 497 45.08 19.99 -7.54
C LYS A 497 43.99 19.05 -7.07
N GLU A 498 44.35 18.02 -6.30
CA GLU A 498 43.39 16.98 -5.95
C GLU A 498 43.59 16.47 -4.53
N ASN A 499 42.53 15.91 -3.98
CA ASN A 499 42.67 15.13 -2.74
C ASN A 499 41.64 14.02 -2.79
N LYS A 500 41.82 12.98 -1.99
CA LYS A 500 40.92 11.84 -2.06
C LYS A 500 40.93 11.05 -0.76
N ILE A 501 39.92 10.22 -0.59
CA ILE A 501 39.86 9.32 0.54
C ILE A 501 39.44 7.95 0.05
N THR A 502 39.97 6.92 0.70
CA THR A 502 39.56 5.55 0.46
C THR A 502 38.69 5.08 1.61
N ILE A 503 37.49 4.60 1.28
CA ILE A 503 36.55 4.11 2.27
C ILE A 503 36.36 2.60 2.09
N THR A 504 36.70 1.88 3.15
CA THR A 504 36.70 0.44 3.08
C THR A 504 35.28 -0.03 3.24
N ASN A 505 34.71 -0.64 2.20
CA ASN A 505 33.59 -1.52 2.41
C ASN A 505 33.65 -2.82 1.61
N ASP A 506 33.85 -3.95 2.27
CA ASP A 506 32.85 -4.99 2.36
C ASP A 506 33.04 -5.31 3.82
N LYS A 507 32.11 -4.99 4.70
CA LYS A 507 32.19 -5.56 6.03
C LYS A 507 31.23 -6.69 6.35
N GLY A 508 30.33 -7.00 5.42
CA GLY A 508 29.07 -7.58 5.81
C GLY A 508 28.48 -6.72 6.94
N ARG A 509 28.66 -5.40 6.82
CA ARG A 509 28.24 -4.44 7.85
C ARG A 509 26.75 -4.09 7.82
N LEU A 510 26.11 -4.23 6.66
CA LEU A 510 24.68 -3.98 6.57
C LEU A 510 23.91 -5.28 6.36
N SER A 511 22.75 -5.36 7.01
CA SER A 511 21.87 -6.52 6.93
C SER A 511 20.72 -6.13 6.04
N LYS A 512 20.15 -7.10 5.34
CA LYS A 512 18.97 -6.85 4.53
C LYS A 512 17.91 -6.07 5.33
N GLU A 513 17.71 -6.44 6.59
CA GLU A 513 16.77 -5.72 7.44
C GLU A 513 17.15 -4.25 7.60
N ASP A 514 18.45 -3.97 7.79
CA ASP A 514 18.90 -2.60 7.92
C ASP A 514 18.45 -1.81 6.68
N ILE A 515 18.61 -2.45 5.53
CA ILE A 515 18.36 -1.78 4.27
C ILE A 515 16.87 -1.51 4.15
N GLU A 516 16.08 -2.56 4.35
CA GLU A 516 14.62 -2.39 4.33
C GLU A 516 14.21 -1.27 5.29
N ARG A 517 14.81 -1.27 6.49
CA ARG A 517 14.46 -0.27 7.47
C ARG A 517 14.72 1.13 6.91
N MET A 518 15.95 1.37 6.47
CA MET A 518 16.31 2.68 5.95
C MET A 518 15.41 3.12 4.80
N VAL A 519 15.12 2.19 3.89
CA VAL A 519 14.25 2.50 2.77
C VAL A 519 12.84 2.88 3.28
N GLN A 520 12.35 2.11 4.24
CA GLN A 520 11.01 2.37 4.77
C GLN A 520 10.95 3.72 5.49
N GLU A 521 11.98 4.04 6.26
CA GLU A 521 11.99 5.32 6.93
C GLU A 521 12.07 6.45 5.92
N ALA A 522 12.91 6.28 4.91
CA ALA A 522 12.99 7.27 3.85
C ALA A 522 11.61 7.48 3.25
N GLU A 523 10.86 6.39 3.07
CA GLU A 523 9.48 6.53 2.64
C GLU A 523 8.60 7.31 3.65
N LYS A 524 8.60 6.89 4.91
CA LYS A 524 7.79 7.51 5.95
C LYS A 524 7.93 9.05 5.96
N TYR A 525 9.17 9.48 5.77
CA TYR A 525 9.57 10.88 5.84
C TYR A 525 9.62 11.65 4.52
N LYS A 526 9.13 11.03 3.45
CA LYS A 526 9.28 11.58 2.10
C LYS A 526 8.95 13.08 1.98
N ALA A 527 7.78 13.48 2.48
CA ALA A 527 7.31 14.86 2.30
C ALA A 527 8.20 15.87 3.03
N GLU A 528 8.44 15.60 4.31
CA GLU A 528 9.32 16.46 5.10
C GLU A 528 10.67 16.57 4.42
N ASP A 529 11.19 15.43 3.98
CA ASP A 529 12.47 15.39 3.29
C ASP A 529 12.47 16.27 2.04
N GLU A 530 11.49 16.07 1.16
CA GLU A 530 11.38 16.89 -0.03
C GLU A 530 11.35 18.37 0.35
N LYS A 531 10.45 18.74 1.25
CA LYS A 531 10.34 20.15 1.64
C LYS A 531 11.72 20.65 2.01
N GLN A 532 12.41 19.94 2.90
CA GLN A 532 13.73 20.42 3.32
C GLN A 532 14.77 20.36 2.22
N ARG A 533 14.59 19.45 1.27
CA ARG A 533 15.54 19.32 0.16
C ARG A 533 15.56 20.58 -0.69
N ASP A 534 14.39 21.03 -1.13
CA ASP A 534 14.30 22.11 -2.11
C ASP A 534 14.36 23.49 -1.44
N LYS A 535 14.51 23.51 -0.13
CA LYS A 535 14.71 24.75 0.62
C LYS A 535 15.97 25.51 0.15
N VAL A 536 17.04 24.79 -0.15
CA VAL A 536 18.30 25.45 -0.55
C VAL A 536 18.29 25.77 -2.04
N SER A 537 18.71 26.99 -2.36
CA SER A 537 18.66 27.52 -3.73
C SER A 537 19.51 26.76 -4.73
N SER A 538 20.82 26.68 -4.49
CA SER A 538 21.73 26.05 -5.45
C SER A 538 22.00 24.60 -5.08
N LYS A 539 22.00 23.74 -6.09
CA LYS A 539 22.14 22.31 -5.88
C LYS A 539 23.58 21.81 -5.65
N ASN A 540 24.55 22.43 -6.32
CA ASN A 540 25.93 21.95 -6.30
CA ASN A 540 25.93 21.94 -6.28
C ASN A 540 26.92 22.66 -5.36
N SER A 541 26.44 23.54 -4.48
CA SER A 541 27.34 24.29 -3.59
C SER A 541 27.87 23.54 -2.34
N LEU A 542 29.18 23.66 -2.12
CA LEU A 542 29.87 23.07 -0.96
C LEU A 542 30.34 24.13 0.03
N GLU A 543 30.05 23.94 1.30
CA GLU A 543 30.58 24.83 2.32
C GLU A 543 31.91 24.30 2.85
N SER A 544 32.52 25.07 3.75
CA SER A 544 33.83 24.74 4.33
C SER A 544 33.75 24.05 5.70
N TYR A 545 32.53 23.77 6.18
CA TYR A 545 32.32 23.23 7.53
C TYR A 545 31.26 22.13 7.52
N ALA A 546 31.18 21.35 8.61
CA ALA A 546 30.20 20.27 8.70
C ALA A 546 28.89 20.87 9.18
N PHE A 547 27.84 20.78 8.38
CA PHE A 547 26.61 21.45 8.74
C PHE A 547 26.09 20.93 10.09
N ASN A 548 26.18 19.61 10.28
CA ASN A 548 25.60 18.98 11.47
C ASN A 548 26.39 19.26 12.75
N MET A 549 27.57 19.86 12.64
CA MET A 549 28.31 20.29 13.82
C MET A 549 28.10 21.77 14.16
N LYS A 550 27.32 22.47 13.32
CA LYS A 550 27.10 23.91 13.47
C LYS A 550 26.04 24.17 14.52
N ALA A 551 26.33 25.04 15.47
CA ALA A 551 25.43 25.27 16.59
C ALA A 551 24.07 25.78 16.10
N THR A 552 23.00 25.23 16.65
CA THR A 552 21.66 25.80 16.47
C THR A 552 21.04 26.11 17.84
N VAL A 553 19.83 26.68 17.83
CA VAL A 553 19.19 27.08 19.08
C VAL A 553 18.66 25.87 19.84
CAA TMO B . -15.21 -11.57 -1.50
NAC TMO B . -16.02 -12.35 -2.43
CAD TMO B . -15.10 -13.27 -3.09
CAB TMO B . -17.14 -12.91 -1.69
OAE TMO B . -16.52 -11.57 -3.35
HAA TMO B . -14.79 -12.22 -0.75
HAAA TMO B . -14.40 -11.09 -2.05
HAAB TMO B . -15.81 -10.82 -1.04
HAB TMO B . -17.70 -13.57 -2.33
HABA TMO B . -16.77 -13.46 -0.83
HABB TMO B . -17.78 -12.11 -1.37
CAA TMO C . 3.50 6.26 4.78
NAC TMO C . 4.21 5.35 5.66
CAD TMO C . 5.50 5.09 5.04
CAB TMO C . 4.16 5.94 6.99
OAE TMO C . 3.60 4.20 5.75
HAA TMO C . 4.02 7.20 4.73
HAAA TMO C . 2.49 6.42 5.16
HAAB TMO C . 3.43 5.82 3.79
HAB TMO C . 3.14 5.95 7.35
HABA TMO C . 4.54 6.95 6.95
HABB TMO C . 4.77 5.36 7.67
S1 DTT D . -9.35 1.20 4.63
C1 DTT D . -8.78 2.73 5.33
C2 DTT D . -9.44 3.99 4.83
O2 DTT D . -8.53 4.77 4.13
C3 DTT D . -10.02 4.78 5.97
O3 DTT D . -9.01 5.19 6.82
C4 DTT D . -10.75 5.99 5.49
S4 DTT D . -12.43 5.79 4.99
#